data_6LXU
#
_entry.id   6LXU
#
_cell.length_a   65.947
_cell.length_b   99.915
_cell.length_c   138.297
_cell.angle_alpha   90.00
_cell.angle_beta   90.00
_cell.angle_gamma   90.00
#
_symmetry.space_group_name_H-M   'I 2 2 2'
#
loop_
_entity.id
_entity.type
_entity.pdbx_description
1 polymer 'L-methionine gamma-lyase'
2 non-polymer (4S)-2-METHYL-2,4-PENTANEDIOL
3 non-polymer 'NITRATE ION'
4 water water
#
_entity_poly.entity_id   1
_entity_poly.type   'polypeptide(L)'
_entity_poly.pdbx_seq_one_letter_code
;GSHMEMKKSGLGTTAIHAGTLKNLYGTLAMPIYQTSTFIFDSAEQGGRRFALEEAGYIYTRLGNPTTTVLENKIAALEEG
EAGIAMSSGMGAISSTLWTVLKAGDHVVTDKTLYGCTFALMNHGLTRFGVEVTFVDTSNLEEVKNAMKKNTRVVYLETPA
NPNLKIVDLEALSKIAHTNPNTLVIVDNTFATPYMQKPLKLGVDIVVHSAT(LLP)YLNGHGDVIAGLVVTRQELADQIR
FVGLKDMTGAVLGPQEAYYIIRGLKTFEIRMERHCKNARTIVDFLNKHPKVEKVYYPGLETHPGYEIAKKQMKDFGAMIS
FELKGGFEAGKTLLNNLKLCSLAVSLGDTETLIQHPASMTHSPYTKEEREVAGITDGLVRLSVGLENVEDIIADLEQGLE
KI
;
_entity_poly.pdbx_strand_id   A
#
loop_
_chem_comp.id
_chem_comp.type
_chem_comp.name
_chem_comp.formula
MPD non-polymer (4S)-2-METHYL-2,4-PENTANEDIOL 'C6 H14 O2'
NO3 non-polymer 'NITRATE ION' 'N O3 -1'
#
# COMPACT_ATOMS: atom_id res chain seq x y z
N LYS A 8 2.09 -11.77 -23.79
CA LYS A 8 1.78 -11.37 -22.38
C LYS A 8 0.35 -10.85 -22.27
N SER A 9 -0.43 -11.46 -21.37
CA SER A 9 -1.80 -11.05 -21.14
C SER A 9 -1.84 -9.66 -20.54
N GLY A 10 -2.90 -8.93 -20.84
CA GLY A 10 -3.12 -7.61 -20.28
C GLY A 10 -3.43 -7.66 -18.78
N LEU A 11 -3.38 -6.50 -18.15
CA LEU A 11 -3.53 -6.44 -16.70
CA LEU A 11 -3.58 -6.34 -16.71
C LEU A 11 -4.93 -6.87 -16.24
N GLY A 12 -5.98 -6.50 -16.98
CA GLY A 12 -7.33 -6.95 -16.61
C GLY A 12 -7.47 -8.46 -16.73
N THR A 13 -6.98 -9.03 -17.84
CA THR A 13 -6.99 -10.48 -18.01
C THR A 13 -6.28 -11.16 -16.84
N THR A 14 -5.13 -10.61 -16.48
CA THR A 14 -4.32 -11.16 -15.39
C THR A 14 -5.03 -11.06 -14.03
N ALA A 15 -5.55 -9.87 -13.73
CA ALA A 15 -6.24 -9.69 -12.45
C ALA A 15 -7.43 -10.65 -12.34
N ILE A 16 -8.15 -10.83 -13.44
CA ILE A 16 -9.34 -11.66 -13.44
C ILE A 16 -8.97 -13.15 -13.35
N HIS A 17 -7.99 -13.57 -14.14
CA HIS A 17 -7.75 -15.02 -14.32
C HIS A 17 -6.52 -15.60 -13.67
N ALA A 18 -5.50 -14.79 -13.35
CA ALA A 18 -4.23 -15.36 -12.87
C ALA A 18 -4.43 -16.06 -11.55
N GLY A 19 -3.64 -17.10 -11.33
CA GLY A 19 -3.46 -17.67 -10.03
C GLY A 19 -4.55 -18.61 -9.58
N THR A 20 -5.55 -18.84 -10.43
CA THR A 20 -6.69 -19.69 -10.08
C THR A 20 -6.25 -21.09 -9.75
N LEU A 21 -6.96 -21.72 -8.83
CA LEU A 21 -6.80 -23.12 -8.50
C LEU A 21 -8.06 -23.84 -8.90
N LYS A 22 -7.93 -25.12 -9.22
CA LYS A 22 -9.07 -25.98 -9.53
C LYS A 22 -9.93 -26.22 -8.31
N ASN A 23 -11.21 -26.50 -8.54
CA ASN A 23 -12.06 -27.05 -7.50
C ASN A 23 -12.80 -28.25 -8.03
N LEU A 24 -13.29 -29.09 -7.13
CA LEU A 24 -13.85 -30.38 -7.50
C LEU A 24 -15.11 -30.29 -8.37
N TYR A 25 -15.88 -29.21 -8.20
CA TYR A 25 -17.17 -29.06 -8.88
C TYR A 25 -17.13 -28.12 -10.08
N GLY A 26 -15.95 -27.58 -10.40
CA GLY A 26 -15.79 -26.56 -11.44
C GLY A 26 -16.68 -25.35 -11.22
N THR A 27 -16.80 -24.88 -9.98
CA THR A 27 -17.53 -23.61 -9.78
C THR A 27 -16.79 -22.51 -10.53
N LEU A 28 -17.53 -21.57 -11.12
CA LEU A 28 -16.91 -20.42 -11.77
C LEU A 28 -16.21 -19.50 -10.74
N ALA A 29 -16.92 -19.17 -9.66
CA ALA A 29 -16.31 -18.36 -8.57
C ALA A 29 -15.35 -19.19 -7.71
N MET A 30 -14.26 -18.62 -7.23
CA MET A 30 -13.38 -19.32 -6.35
CA MET A 30 -13.36 -19.41 -6.34
C MET A 30 -14.10 -19.71 -5.04
N PRO A 31 -14.21 -21.01 -4.68
CA PRO A 31 -14.90 -21.33 -3.43
C PRO A 31 -14.26 -20.66 -2.22
N ILE A 32 -15.08 -20.39 -1.21
CA ILE A 32 -14.61 -19.82 0.04
C ILE A 32 -14.33 -20.99 0.97
N TYR A 33 -13.05 -21.30 1.16
CA TYR A 33 -12.65 -22.41 2.00
C TYR A 33 -12.57 -21.89 3.45
N GLN A 34 -13.75 -21.65 4.02
CA GLN A 34 -13.89 -21.07 5.34
C GLN A 34 -13.70 -22.21 6.37
N THR A 35 -12.43 -22.55 6.57
CA THR A 35 -12.02 -23.69 7.39
C THR A 35 -10.82 -23.29 8.21
N SER A 36 -10.68 -23.88 9.39
CA SER A 36 -9.43 -23.77 10.14
C SER A 36 -8.47 -24.88 9.72
N THR A 37 -8.97 -26.10 9.63
CA THR A 37 -8.12 -27.26 9.45
C THR A 37 -8.53 -28.08 8.24
N PHE A 38 -7.69 -29.08 7.95
CA PHE A 38 -7.78 -29.89 6.75
C PHE A 38 -7.61 -31.34 7.15
N ILE A 39 -8.35 -32.22 6.51
CA ILE A 39 -8.31 -33.62 6.89
C ILE A 39 -7.39 -34.41 5.97
N PHE A 40 -6.72 -35.40 6.55
CA PHE A 40 -5.83 -36.29 5.82
C PHE A 40 -6.52 -37.61 5.55
N ASP A 41 -6.16 -38.23 4.42
CA ASP A 41 -6.71 -39.54 4.04
C ASP A 41 -6.11 -40.67 4.87
N SER A 42 -4.93 -40.42 5.44
CA SER A 42 -4.20 -41.42 6.20
C SER A 42 -3.20 -40.70 7.08
N ALA A 43 -2.68 -41.42 8.07
CA ALA A 43 -1.58 -40.91 8.89
C ALA A 43 -0.39 -40.56 8.01
N GLU A 44 -0.09 -41.44 7.06
CA GLU A 44 1.05 -41.26 6.16
C GLU A 44 0.93 -40.00 5.30
N GLN A 45 -0.28 -39.70 4.82
CA GLN A 45 -0.48 -38.45 4.08
C GLN A 45 -0.20 -37.24 4.96
N GLY A 46 -0.69 -37.26 6.21
CA GLY A 46 -0.38 -36.17 7.14
C GLY A 46 1.13 -36.01 7.30
N GLY A 47 1.83 -37.13 7.50
CA GLY A 47 3.29 -37.10 7.62
C GLY A 47 3.98 -36.53 6.40
N ARG A 48 3.52 -36.92 5.22
CA ARG A 48 4.12 -36.40 3.98
C ARG A 48 3.93 -34.90 3.85
N ARG A 49 2.77 -34.38 4.26
CA ARG A 49 2.56 -32.93 4.20
C ARG A 49 3.44 -32.18 5.16
N PHE A 50 3.58 -32.70 6.39
CA PHE A 50 4.47 -32.08 7.36
C PHE A 50 5.95 -32.16 6.97
N ALA A 51 6.31 -33.20 6.22
CA ALA A 51 7.68 -33.38 5.73
C ALA A 51 7.93 -32.70 4.38
N LEU A 52 6.96 -31.93 3.88
CA LEU A 52 7.04 -31.25 2.56
C LEU A 52 7.32 -32.22 1.41
N GLU A 53 6.79 -33.44 1.52
CA GLU A 53 6.94 -34.49 0.51
C GLU A 53 5.71 -34.63 -0.39
N GLU A 54 4.58 -34.03 0.02
CA GLU A 54 3.34 -34.06 -0.73
C GLU A 54 2.67 -32.69 -0.65
N ALA A 55 2.12 -32.25 -1.77
CA ALA A 55 1.43 -30.97 -1.85
C ALA A 55 0.09 -31.06 -1.17
N GLY A 56 -0.43 -29.91 -0.77
CA GLY A 56 -1.74 -29.81 -0.13
C GLY A 56 -1.64 -29.13 1.22
N TYR A 57 -2.78 -29.05 1.87
CA TYR A 57 -2.97 -28.13 3.00
C TYR A 57 -2.99 -28.84 4.34
N ILE A 58 -2.77 -28.05 5.38
CA ILE A 58 -2.69 -28.51 6.77
C ILE A 58 -3.59 -27.68 7.69
N TYR A 59 -3.44 -26.35 7.64
CA TYR A 59 -4.07 -25.48 8.63
C TYR A 59 -4.01 -24.07 8.10
N THR A 60 -5.11 -23.32 8.24
CA THR A 60 -5.22 -22.04 7.54
C THR A 60 -4.17 -21.01 7.91
N ARG A 61 -3.62 -21.02 9.15
CA ARG A 61 -2.52 -20.09 9.44
C ARG A 61 -1.31 -20.33 8.52
N LEU A 62 -1.06 -21.58 8.14
CA LEU A 62 0.01 -21.92 7.19
C LEU A 62 -0.33 -21.55 5.76
N GLY A 63 -1.58 -21.75 5.37
CA GLY A 63 -2.04 -21.51 4.01
C GLY A 63 -3.43 -22.07 3.83
N ASN A 64 -4.11 -21.57 2.79
CA ASN A 64 -5.51 -21.93 2.54
C ASN A 64 -5.74 -21.78 1.04
N PRO A 65 -6.54 -22.67 0.43
CA PRO A 65 -6.65 -22.59 -1.04
C PRO A 65 -7.25 -21.29 -1.57
N THR A 66 -8.24 -20.72 -0.88
CA THR A 66 -8.77 -19.42 -1.29
C THR A 66 -7.67 -18.36 -1.25
N THR A 67 -6.94 -18.35 -0.13
CA THR A 67 -5.87 -17.38 0.04
C THR A 67 -4.73 -17.58 -0.97
N THR A 68 -4.45 -18.84 -1.29
CA THR A 68 -3.42 -19.12 -2.30
C THR A 68 -3.72 -18.45 -3.65
N VAL A 69 -4.98 -18.47 -4.06
CA VAL A 69 -5.37 -17.81 -5.31
C VAL A 69 -5.05 -16.33 -5.25
N LEU A 70 -5.40 -15.69 -4.13
CA LEU A 70 -5.10 -14.28 -3.95
C LEU A 70 -3.60 -14.01 -4.02
N GLU A 71 -2.84 -14.83 -3.31
CA GLU A 71 -1.39 -14.71 -3.28
C GLU A 71 -0.79 -14.83 -4.68
N ASN A 72 -1.24 -15.82 -5.41
CA ASN A 72 -0.77 -16.02 -6.80
C ASN A 72 -1.12 -14.84 -7.69
N LYS A 73 -2.31 -14.27 -7.50
CA LYS A 73 -2.77 -13.12 -8.29
CA LYS A 73 -2.77 -13.17 -8.29
C LYS A 73 -1.91 -11.91 -8.05
N ILE A 74 -1.66 -11.55 -6.80
CA ILE A 74 -0.84 -10.37 -6.55
C ILE A 74 0.61 -10.59 -7.03
N ALA A 75 1.12 -11.80 -6.86
CA ALA A 75 2.45 -12.10 -7.41
C ALA A 75 2.46 -11.92 -8.93
N ALA A 76 1.42 -12.38 -9.63
CA ALA A 76 1.35 -12.19 -11.07
C ALA A 76 1.30 -10.72 -11.45
N LEU A 77 0.53 -9.94 -10.70
CA LEU A 77 0.40 -8.51 -10.99
C LEU A 77 1.69 -7.73 -10.78
N GLU A 78 2.44 -8.07 -9.74
CA GLU A 78 3.73 -7.44 -9.46
C GLU A 78 4.90 -8.06 -10.24
N GLU A 79 4.62 -9.17 -10.93
CA GLU A 79 5.62 -9.94 -11.67
C GLU A 79 6.74 -10.44 -10.75
N GLY A 80 6.34 -10.93 -9.58
CA GLY A 80 7.23 -11.60 -8.66
C GLY A 80 6.95 -13.08 -8.55
N GLU A 81 7.82 -13.78 -7.83
CA GLU A 81 7.71 -15.23 -7.76
C GLU A 81 6.58 -15.73 -6.87
N ALA A 82 6.36 -15.05 -5.75
CA ALA A 82 5.52 -15.59 -4.69
C ALA A 82 4.80 -14.50 -3.94
N GLY A 83 3.57 -14.78 -3.56
CA GLY A 83 2.76 -13.88 -2.76
C GLY A 83 2.44 -14.47 -1.40
N ILE A 84 2.26 -13.57 -0.42
CA ILE A 84 1.80 -13.95 0.91
CA ILE A 84 1.80 -13.95 0.91
C ILE A 84 0.74 -12.96 1.33
N ALA A 85 -0.35 -13.46 1.92
CA ALA A 85 -1.44 -12.63 2.39
C ALA A 85 -1.49 -12.59 3.92
N MET A 86 -1.89 -11.43 4.43
CA MET A 86 -2.05 -11.19 5.86
C MET A 86 -3.33 -10.41 6.09
N SER A 87 -3.72 -10.33 7.35
CA SER A 87 -4.98 -9.70 7.75
C SER A 87 -4.92 -8.18 7.92
N SER A 88 -3.79 -7.55 7.55
CA SER A 88 -3.75 -6.10 7.34
C SER A 88 -2.45 -5.76 6.63
N GLY A 89 -2.39 -4.57 6.06
CA GLY A 89 -1.13 -4.01 5.58
C GLY A 89 -0.06 -4.00 6.66
N MET A 90 -0.40 -3.59 7.88
CA MET A 90 0.58 -3.62 8.94
C MET A 90 1.01 -5.05 9.26
N GLY A 91 0.12 -6.03 9.06
CA GLY A 91 0.50 -7.43 9.14
C GLY A 91 1.52 -7.84 8.09
N ALA A 92 1.35 -7.37 6.86
CA ALA A 92 2.32 -7.63 5.80
C ALA A 92 3.67 -7.01 6.13
N ILE A 93 3.64 -5.75 6.54
CA ILE A 93 4.87 -5.00 6.86
C ILE A 93 5.62 -5.60 8.05
N SER A 94 4.90 -5.81 9.16
CA SER A 94 5.53 -6.34 10.37
C SER A 94 6.00 -7.78 10.17
N SER A 95 5.20 -8.63 9.53
CA SER A 95 5.62 -10.00 9.32
C SER A 95 6.93 -10.05 8.53
N THR A 96 7.04 -9.18 7.53
CA THR A 96 8.26 -9.09 6.74
C THR A 96 9.45 -8.64 7.60
N LEU A 97 9.27 -7.56 8.32
CA LEU A 97 10.38 -7.00 9.11
C LEU A 97 10.84 -7.93 10.23
N TRP A 98 9.90 -8.57 10.93
CA TRP A 98 10.30 -9.52 11.98
C TRP A 98 11.04 -10.72 11.43
N THR A 99 10.74 -11.10 10.19
CA THR A 99 11.43 -12.22 9.55
C THR A 99 12.89 -11.88 9.23
N VAL A 100 13.11 -10.73 8.63
CA VAL A 100 14.43 -10.43 8.02
C VAL A 100 15.38 -9.68 8.94
N LEU A 101 14.88 -9.11 10.03
CA LEU A 101 15.70 -8.35 10.97
C LEU A 101 16.10 -9.20 12.17
N LYS A 102 17.01 -8.65 12.96
CA LYS A 102 17.39 -9.17 14.27
C LYS A 102 17.96 -8.00 15.06
N ALA A 103 18.03 -8.15 16.39
CA ALA A 103 18.71 -7.15 17.22
C ALA A 103 20.14 -6.97 16.71
N GLY A 104 20.55 -5.71 16.62
CA GLY A 104 21.88 -5.38 16.08
C GLY A 104 21.88 -4.99 14.61
N ASP A 105 20.79 -5.25 13.89
CA ASP A 105 20.65 -4.82 12.51
C ASP A 105 20.31 -3.34 12.48
N HIS A 106 20.50 -2.76 11.29
CA HIS A 106 20.22 -1.37 11.01
C HIS A 106 19.24 -1.24 9.82
N VAL A 107 18.42 -0.19 9.89
CA VAL A 107 17.42 0.13 8.86
C VAL A 107 17.62 1.57 8.45
N VAL A 108 17.62 1.81 7.13
CA VAL A 108 17.54 3.15 6.57
C VAL A 108 16.17 3.34 5.97
N THR A 109 15.50 4.42 6.34
CA THR A 109 14.17 4.71 5.80
C THR A 109 13.91 6.20 5.80
N ASP A 110 12.70 6.60 5.44
CA ASP A 110 12.34 8.00 5.31
C ASP A 110 11.54 8.45 6.53
N LYS A 111 11.60 9.72 6.89
CA LYS A 111 10.61 10.26 7.87
C LYS A 111 9.16 10.33 7.32
N THR A 112 9.03 10.52 6.00
N THR A 112 9.02 10.36 6.00
CA THR A 112 7.73 10.46 5.34
CA THR A 112 7.71 10.51 5.36
C THR A 112 7.40 9.02 4.98
C THR A 112 6.77 9.27 5.43
N LEU A 113 6.88 8.34 5.99
N LEU A 113 7.22 8.17 6.03
CA LEU A 113 6.37 7.00 5.88
CA LEU A 113 6.45 6.92 6.04
C LEU A 113 5.01 7.01 6.49
C LEU A 113 4.97 7.07 6.44
N TYR A 114 4.18 6.09 6.02
CA TYR A 114 2.87 5.85 6.60
C TYR A 114 2.97 5.83 8.13
N GLY A 115 2.06 6.54 8.80
CA GLY A 115 2.24 6.81 10.22
C GLY A 115 2.45 5.59 11.09
N CYS A 116 1.68 4.53 10.86
CA CYS A 116 1.85 3.35 11.70
C CYS A 116 3.17 2.65 11.42
N THR A 117 3.65 2.72 10.17
CA THR A 117 4.97 2.19 9.86
C THR A 117 6.05 2.99 10.57
N PHE A 118 5.92 4.32 10.54
CA PHE A 118 6.85 5.16 11.26
C PHE A 118 6.90 4.77 12.74
N ALA A 119 5.73 4.55 13.33
CA ALA A 119 5.67 4.16 14.74
C ALA A 119 6.32 2.81 14.99
N LEU A 120 6.07 1.83 14.11
CA LEU A 120 6.72 0.53 14.19
C LEU A 120 8.24 0.69 14.13
N MET A 121 8.71 1.51 13.20
CA MET A 121 10.16 1.74 13.03
CA MET A 121 10.15 1.78 13.02
C MET A 121 10.76 2.47 14.24
N ASN A 122 10.15 3.58 14.61
CA ASN A 122 10.74 4.50 15.59
C ASN A 122 10.59 4.02 17.03
N HIS A 123 9.46 3.38 17.35
CA HIS A 123 9.15 2.97 18.72
C HIS A 123 9.10 1.46 18.97
N GLY A 124 8.86 0.66 17.92
CA GLY A 124 8.72 -0.79 18.07
C GLY A 124 10.03 -1.50 17.85
N LEU A 125 10.57 -1.39 16.65
CA LEU A 125 11.83 -2.07 16.31
C LEU A 125 12.97 -1.61 17.21
N THR A 126 12.99 -0.32 17.52
CA THR A 126 14.05 0.24 18.36
C THR A 126 14.00 -0.31 19.79
N ARG A 127 12.82 -0.68 20.28
CA ARG A 127 12.68 -1.37 21.57
C ARG A 127 13.26 -2.76 21.58
N PHE A 128 13.46 -3.35 20.39
CA PHE A 128 13.94 -4.71 20.23
C PHE A 128 15.31 -4.75 19.55
N GLY A 129 16.11 -3.71 19.79
CA GLY A 129 17.52 -3.73 19.45
C GLY A 129 17.86 -3.43 18.01
N VAL A 130 16.90 -2.93 17.22
CA VAL A 130 17.15 -2.56 15.83
C VAL A 130 17.45 -1.07 15.81
N GLU A 131 18.51 -0.69 15.09
CA GLU A 131 18.89 0.71 14.87
CA GLU A 131 18.81 0.74 14.91
C GLU A 131 18.17 1.22 13.63
N VAL A 132 17.55 2.39 13.71
CA VAL A 132 16.85 2.96 12.56
C VAL A 132 17.32 4.38 12.33
N THR A 133 17.72 4.68 11.10
CA THR A 133 18.07 6.03 10.67
C THR A 133 17.01 6.52 9.69
N PHE A 134 16.44 7.68 9.98
CA PHE A 134 15.47 8.33 9.13
C PHE A 134 16.18 9.43 8.35
N VAL A 135 16.11 9.35 7.03
CA VAL A 135 16.73 10.33 6.13
C VAL A 135 15.72 10.80 5.09
N ASP A 136 16.11 11.79 4.31
CA ASP A 136 15.35 12.18 3.14
C ASP A 136 15.76 11.30 1.98
N THR A 137 14.94 10.28 1.68
CA THR A 137 15.29 9.35 0.61
C THR A 137 15.13 9.92 -0.81
N SER A 138 14.63 11.16 -0.94
CA SER A 138 14.75 11.89 -2.21
C SER A 138 16.15 12.45 -2.45
N ASN A 139 17.00 12.42 -1.42
CA ASN A 139 18.39 12.87 -1.51
C ASN A 139 19.29 11.64 -1.54
N LEU A 140 19.77 11.27 -2.73
CA LEU A 140 20.56 10.05 -2.88
C LEU A 140 21.83 10.04 -2.04
N GLU A 141 22.47 11.21 -1.90
CA GLU A 141 23.67 11.33 -1.08
C GLU A 141 23.39 11.06 0.40
N GLU A 142 22.28 11.56 0.93
CA GLU A 142 21.87 11.23 2.31
C GLU A 142 21.73 9.72 2.53
N VAL A 143 21.16 9.03 1.54
CA VAL A 143 20.96 7.60 1.65
C VAL A 143 22.31 6.88 1.60
N LYS A 144 23.15 7.26 0.65
CA LYS A 144 24.51 6.69 0.56
C LYS A 144 25.26 6.85 1.88
N ASN A 145 25.17 8.04 2.45
CA ASN A 145 25.88 8.36 3.70
C ASN A 145 25.34 7.60 4.92
N ALA A 146 24.05 7.22 4.89
CA ALA A 146 23.42 6.47 6.00
C ALA A 146 23.72 4.97 5.97
N MET A 147 24.15 4.42 4.84
CA MET A 147 24.44 3.00 4.72
C MET A 147 25.55 2.57 5.67
N LYS A 148 25.36 1.43 6.34
CA LYS A 148 26.37 0.85 7.22
C LYS A 148 26.53 -0.62 6.90
N LYS A 149 27.60 -1.22 7.40
CA LYS A 149 27.84 -2.64 7.18
C LYS A 149 26.66 -3.51 7.65
N ASN A 150 26.03 -3.11 8.77
CA ASN A 150 24.91 -3.85 9.34
C ASN A 150 23.53 -3.37 8.87
N THR A 151 23.46 -2.51 7.84
CA THR A 151 22.17 -2.15 7.24
C THR A 151 21.56 -3.37 6.59
N ARG A 152 20.44 -3.83 7.15
CA ARG A 152 19.75 -5.00 6.64
C ARG A 152 18.56 -4.65 5.73
N VAL A 153 17.95 -3.49 5.96
CA VAL A 153 16.77 -3.07 5.22
C VAL A 153 16.88 -1.61 4.85
N VAL A 154 16.57 -1.32 3.58
CA VAL A 154 16.24 0.03 3.13
C VAL A 154 14.75 -0.03 2.80
N TYR A 155 13.95 0.74 3.52
CA TYR A 155 12.49 0.68 3.43
C TYR A 155 11.99 1.97 2.80
N LEU A 156 11.23 1.84 1.70
CA LEU A 156 10.82 2.99 0.90
C LEU A 156 9.33 3.01 0.64
N GLU A 157 8.82 4.19 0.34
CA GLU A 157 7.39 4.36 0.06
C GLU A 157 7.25 5.51 -0.92
N THR A 158 6.60 5.29 -2.07
CA THR A 158 6.43 6.35 -3.08
C THR A 158 5.24 6.03 -3.97
N PRO A 159 4.37 7.00 -4.24
CA PRO A 159 4.26 8.29 -3.56
C PRO A 159 3.95 8.12 -2.08
N ALA A 160 4.33 9.10 -1.26
CA ALA A 160 4.15 8.99 0.20
C ALA A 160 3.55 10.26 0.78
N ASN A 161 2.66 10.11 1.78
CA ASN A 161 1.96 11.20 2.52
C ASN A 161 2.96 12.15 3.14
N PRO A 162 2.60 13.42 3.42
CA PRO A 162 1.30 14.06 3.15
C PRO A 162 1.26 14.92 1.88
N ASN A 163 2.42 15.04 1.23
CA ASN A 163 2.64 15.85 0.04
C ASN A 163 2.98 14.99 -1.18
N LEU A 164 2.65 13.70 -1.14
CA LEU A 164 2.87 12.79 -2.28
C LEU A 164 4.31 12.85 -2.80
N LYS A 165 5.23 12.74 -1.84
CA LYS A 165 6.66 12.69 -2.12
C LYS A 165 7.01 11.52 -3.01
N ILE A 166 7.87 11.80 -3.99
CA ILE A 166 8.34 10.81 -4.94
C ILE A 166 9.83 10.53 -4.67
N VAL A 167 10.20 9.25 -4.64
CA VAL A 167 11.60 8.86 -4.53
C VAL A 167 11.89 7.82 -5.60
N ASP A 168 13.17 7.76 -6.00
CA ASP A 168 13.58 6.98 -7.18
C ASP A 168 13.93 5.57 -6.77
N LEU A 169 13.02 4.63 -7.01
CA LEU A 169 13.18 3.27 -6.52
C LEU A 169 14.39 2.56 -7.12
N GLU A 170 14.57 2.70 -8.43
CA GLU A 170 15.71 2.04 -9.08
C GLU A 170 17.04 2.58 -8.55
N ALA A 171 17.15 3.88 -8.44
CA ALA A 171 18.39 4.50 -7.97
C ALA A 171 18.68 4.15 -6.52
N LEU A 172 17.65 4.21 -5.68
CA LEU A 172 17.83 3.86 -4.27
C LEU A 172 18.19 2.41 -4.08
N SER A 173 17.60 1.54 -4.89
CA SER A 173 17.91 0.13 -4.79
C SER A 173 19.36 -0.15 -5.13
N LYS A 174 19.89 0.55 -6.14
CA LYS A 174 21.32 0.41 -6.47
C LYS A 174 22.21 0.83 -5.32
N ILE A 175 21.85 1.90 -4.63
CA ILE A 175 22.61 2.35 -3.46
C ILE A 175 22.54 1.31 -2.35
N ALA A 176 21.34 0.84 -2.04
CA ALA A 176 21.17 -0.18 -1.01
C ALA A 176 21.98 -1.44 -1.29
N HIS A 177 21.98 -1.86 -2.55
CA HIS A 177 22.60 -3.11 -2.95
C HIS A 177 24.12 -3.06 -3.05
N THR A 178 24.72 -1.91 -2.78
CA THR A 178 26.17 -1.86 -2.57
C THR A 178 26.58 -2.67 -1.33
N ASN A 179 25.63 -2.88 -0.39
CA ASN A 179 25.84 -3.81 0.70
C ASN A 179 25.15 -5.12 0.32
N PRO A 180 25.91 -6.24 0.18
CA PRO A 180 25.30 -7.50 -0.29
C PRO A 180 24.25 -8.14 0.64
N ASN A 181 24.19 -7.68 1.89
CA ASN A 181 23.21 -8.18 2.86
C ASN A 181 21.95 -7.31 2.96
N THR A 182 21.87 -6.20 2.22
CA THR A 182 20.74 -5.28 2.37
C THR A 182 19.55 -5.64 1.47
N LEU A 183 18.37 -5.70 2.07
CA LEU A 183 17.11 -5.90 1.33
C LEU A 183 16.39 -4.57 1.16
N VAL A 184 15.84 -4.36 -0.03
CA VAL A 184 15.04 -3.19 -0.32
C VAL A 184 13.56 -3.61 -0.28
N ILE A 185 12.79 -2.90 0.56
CA ILE A 185 11.37 -3.19 0.76
C ILE A 185 10.62 -1.93 0.37
N VAL A 186 9.59 -2.07 -0.47
CA VAL A 186 8.78 -0.94 -0.91
C VAL A 186 7.31 -1.17 -0.60
N ASP A 187 6.71 -0.17 0.03
CA ASP A 187 5.26 -0.10 0.21
C ASP A 187 4.66 0.52 -1.03
N ASN A 188 4.06 -0.32 -1.87
CA ASN A 188 3.51 0.05 -3.17
C ASN A 188 2.00 0.28 -3.14
N THR A 189 1.46 0.57 -1.95
CA THR A 189 0.01 0.72 -1.76
C THR A 189 -0.60 1.79 -2.67
N PHE A 190 -0.07 3.01 -2.62
CA PHE A 190 -0.68 4.12 -3.35
C PHE A 190 -0.64 3.94 -4.85
N ALA A 191 0.51 3.48 -5.35
CA ALA A 191 0.70 3.36 -6.79
C ALA A 191 -0.01 2.15 -7.37
N THR A 192 0.06 1.03 -6.65
CA THR A 192 -0.49 -0.26 -7.09
C THR A 192 0.31 -0.81 -8.27
N PRO A 193 0.16 -2.11 -8.55
CA PRO A 193 0.84 -2.63 -9.76
C PRO A 193 0.26 -2.14 -11.08
N TYR A 194 -0.87 -1.46 -11.08
CA TYR A 194 -1.34 -0.75 -12.28
C TYR A 194 -0.37 0.36 -12.69
N MET A 195 0.26 1.01 -11.73
CA MET A 195 1.17 2.13 -12.03
C MET A 195 2.63 1.81 -11.87
N GLN A 196 3.01 0.95 -10.94
CA GLN A 196 4.41 0.83 -10.55
C GLN A 196 4.66 -0.61 -10.14
N LYS A 197 5.77 -1.18 -10.62
CA LYS A 197 6.15 -2.56 -10.31
C LYS A 197 7.58 -2.57 -9.77
N PRO A 198 7.72 -2.32 -8.46
CA PRO A 198 9.05 -2.13 -7.89
C PRO A 198 10.02 -3.28 -8.12
N LEU A 199 9.53 -4.52 -8.18
CA LEU A 199 10.45 -5.64 -8.38
C LEU A 199 11.17 -5.55 -9.72
N LYS A 200 10.55 -4.93 -10.71
CA LYS A 200 11.19 -4.75 -12.02
C LYS A 200 12.29 -3.69 -11.99
N LEU A 201 12.36 -2.92 -10.91
CA LEU A 201 13.36 -1.88 -10.71
C LEU A 201 14.49 -2.30 -9.77
N GLY A 202 14.50 -3.56 -9.36
CA GLY A 202 15.55 -4.11 -8.49
C GLY A 202 15.19 -4.20 -7.02
N VAL A 203 13.95 -3.86 -6.64
CA VAL A 203 13.51 -3.99 -5.25
C VAL A 203 13.39 -5.47 -4.89
N ASP A 204 13.67 -5.81 -3.63
CA ASP A 204 13.60 -7.21 -3.20
C ASP A 204 12.19 -7.66 -2.77
N ILE A 205 11.47 -6.79 -2.03
CA ILE A 205 10.17 -7.16 -1.45
C ILE A 205 9.21 -6.00 -1.66
N VAL A 206 8.00 -6.32 -2.13
CA VAL A 206 6.91 -5.36 -2.22
C VAL A 206 5.87 -5.70 -1.17
N VAL A 207 5.38 -4.68 -0.48
CA VAL A 207 4.29 -4.83 0.47
C VAL A 207 3.14 -3.89 0.07
N HIS A 208 1.93 -4.35 0.40
CA HIS A 208 0.69 -3.59 0.16
C HIS A 208 -0.23 -3.62 1.34
N SER A 209 -0.92 -2.51 1.57
CA SER A 209 -2.21 -2.54 2.22
C SER A 209 -3.28 -2.81 1.16
N ALA A 210 -3.73 -4.07 1.10
CA ALA A 210 -4.83 -4.43 0.20
C ALA A 210 -6.16 -3.84 0.63
N THR A 211 -6.21 -3.34 1.88
CA THR A 211 -7.32 -2.52 2.38
C THR A 211 -7.68 -1.39 1.44
N1 LLP A 212 0.80 1.80 4.00
C2 LLP A 212 -0.03 2.65 3.31
C2' LLP A 212 0.57 3.52 2.24
C3 LLP A 212 -1.39 2.68 3.60
O3 LLP A 212 -2.18 3.53 2.91
C4 LLP A 212 -1.92 1.86 4.60
C4' LLP A 212 -3.41 1.83 4.88
C5 LLP A 212 -1.04 1.03 5.31
C6 LLP A 212 0.31 1.01 5.00
C5' LLP A 212 -1.51 0.17 6.43
OP4 LLP A 212 -2.30 -0.98 6.07
P LLP A 212 -3.52 -1.51 6.98
OP1 LLP A 212 -4.27 -2.41 6.07
OP2 LLP A 212 -4.25 -0.27 7.36
OP3 LLP A 212 -2.84 -2.20 8.11
N LLP A 212 -6.69 -0.89 0.69
CA LLP A 212 -6.86 0.29 -0.12
CB LLP A 212 -5.59 1.13 -0.02
CG LLP A 212 -5.06 1.34 1.39
CD LLP A 212 -6.01 1.96 2.40
CE LLP A 212 -5.47 1.86 3.82
NZ LLP A 212 -4.10 2.46 3.93
C LLP A 212 -7.31 -0.12 -1.53
O LLP A 212 -8.35 -0.77 -1.65
N TYR A 213 -6.59 0.23 -2.59
CA TYR A 213 -7.03 -0.03 -3.97
C TYR A 213 -7.23 -1.47 -4.36
N LEU A 214 -6.39 -2.38 -3.89
CA LEU A 214 -6.44 -3.75 -4.43
C LEU A 214 -7.79 -4.40 -4.14
N ASN A 215 -8.24 -4.34 -2.88
CA ASN A 215 -9.61 -4.75 -2.58
C ASN A 215 -10.61 -3.74 -3.19
N GLY A 216 -10.39 -2.46 -2.90
CA GLY A 216 -11.09 -1.37 -3.55
C GLY A 216 -12.47 -1.00 -3.03
N HIS A 217 -13.04 -1.84 -2.15
CA HIS A 217 -14.44 -1.70 -1.79
C HIS A 217 -14.65 -1.37 -0.32
N GLY A 218 -13.59 -0.97 0.38
CA GLY A 218 -13.77 -0.38 1.71
C GLY A 218 -14.39 -1.30 2.73
N ASP A 219 -14.19 -2.61 2.58
CA ASP A 219 -14.87 -3.59 3.40
C ASP A 219 -13.96 -4.67 3.97
N VAL A 220 -12.64 -4.53 3.72
CA VAL A 220 -11.65 -5.52 4.15
C VAL A 220 -10.43 -4.79 4.67
N ILE A 221 -9.85 -5.31 5.75
CA ILE A 221 -8.51 -4.95 6.20
C ILE A 221 -7.61 -6.13 5.80
N ALA A 222 -6.56 -5.87 5.02
CA ALA A 222 -5.71 -6.95 4.52
C ALA A 222 -4.39 -6.41 3.99
N GLY A 223 -3.39 -7.28 3.99
CA GLY A 223 -2.06 -6.96 3.48
C GLY A 223 -1.59 -8.04 2.55
N LEU A 224 -0.64 -7.66 1.69
CA LEU A 224 -0.02 -8.60 0.73
C LEU A 224 1.45 -8.31 0.63
N VAL A 225 2.22 -9.38 0.42
CA VAL A 225 3.66 -9.30 0.17
C VAL A 225 3.96 -10.05 -1.12
N VAL A 226 4.86 -9.50 -1.94
CA VAL A 226 5.38 -10.23 -3.10
C VAL A 226 6.90 -10.18 -3.07
N THR A 227 7.51 -11.34 -3.24
CA THR A 227 8.97 -11.45 -3.27
C THR A 227 9.38 -12.78 -3.90
N ARG A 228 10.69 -13.03 -3.88
CA ARG A 228 11.24 -14.31 -4.37
C ARG A 228 10.81 -15.44 -3.45
N GLN A 229 10.70 -16.64 -3.99
CA GLN A 229 10.19 -17.79 -3.23
C GLN A 229 10.94 -18.04 -1.93
N GLU A 230 12.27 -17.95 -1.96
CA GLU A 230 13.09 -18.22 -0.78
C GLU A 230 12.74 -17.28 0.37
N LEU A 231 12.59 -16.00 0.07
CA LEU A 231 12.22 -15.01 1.09
C LEU A 231 10.76 -15.18 1.50
N ALA A 232 9.89 -15.46 0.54
CA ALA A 232 8.47 -15.63 0.83
C ALA A 232 8.25 -16.75 1.82
N ASP A 233 8.93 -17.88 1.63
CA ASP A 233 8.75 -19.01 2.52
C ASP A 233 9.16 -18.68 3.95
N GLN A 234 10.22 -17.89 4.12
CA GLN A 234 10.61 -17.42 5.45
C GLN A 234 9.58 -16.47 6.07
N ILE A 235 9.08 -15.53 5.27
CA ILE A 235 8.06 -14.60 5.77
C ILE A 235 6.80 -15.38 6.19
N ARG A 236 6.40 -16.37 5.41
CA ARG A 236 5.24 -17.20 5.74
C ARG A 236 5.45 -18.04 6.98
N PHE A 237 6.56 -18.79 7.02
CA PHE A 237 6.75 -19.79 8.05
C PHE A 237 7.44 -19.29 9.31
N VAL A 238 7.90 -18.05 9.31
CA VAL A 238 8.46 -17.42 10.50
C VAL A 238 7.60 -16.22 10.92
N GLY A 239 7.61 -15.18 10.09
CA GLY A 239 6.91 -13.94 10.41
C GLY A 239 5.43 -14.12 10.65
N LEU A 240 4.75 -14.67 9.66
CA LEU A 240 3.30 -14.88 9.75
C LEU A 240 2.97 -15.99 10.74
N LYS A 241 3.64 -17.14 10.63
CA LYS A 241 3.26 -18.30 11.41
CA LYS A 241 3.28 -18.31 11.41
C LYS A 241 3.37 -18.05 12.92
N ASP A 242 4.46 -17.42 13.33
CA ASP A 242 4.82 -17.31 14.74
C ASP A 242 4.90 -15.89 15.27
N MET A 243 5.34 -14.92 14.47
CA MET A 243 5.67 -13.64 15.07
CA MET A 243 5.74 -13.58 14.96
C MET A 243 4.60 -12.57 14.95
N THR A 244 3.63 -12.74 14.05
CA THR A 244 2.47 -11.87 14.01
C THR A 244 1.15 -12.63 14.06
N GLY A 245 1.08 -13.83 13.49
CA GLY A 245 -0.20 -14.49 13.39
C GLY A 245 -1.27 -13.68 12.67
N ALA A 246 -0.87 -12.82 11.73
CA ALA A 246 -1.82 -11.95 11.03
C ALA A 246 -2.48 -12.71 9.87
N VAL A 247 -3.32 -13.68 10.22
CA VAL A 247 -3.90 -14.62 9.27
C VAL A 247 -5.16 -14.04 8.65
N LEU A 248 -5.15 -13.91 7.32
CA LEU A 248 -6.30 -13.41 6.58
C LEU A 248 -7.46 -14.40 6.64
N GLY A 249 -8.66 -13.89 6.93
CA GLY A 249 -9.85 -14.73 6.91
C GLY A 249 -10.18 -15.15 5.48
N PRO A 250 -10.58 -16.41 5.26
CA PRO A 250 -10.94 -16.82 3.91
C PRO A 250 -12.04 -15.96 3.28
N GLN A 251 -13.00 -15.51 4.07
CA GLN A 251 -14.03 -14.60 3.53
C GLN A 251 -13.40 -13.34 2.97
N GLU A 252 -12.47 -12.75 3.72
CA GLU A 252 -11.79 -11.55 3.26
C GLU A 252 -10.92 -11.83 2.04
N ALA A 253 -10.25 -12.98 2.02
CA ALA A 253 -9.51 -13.36 0.81
C ALA A 253 -10.44 -13.38 -0.41
N TYR A 254 -11.62 -13.96 -0.26
CA TYR A 254 -12.60 -13.98 -1.34
C TYR A 254 -13.02 -12.56 -1.74
N TYR A 255 -13.32 -11.71 -0.76
CA TYR A 255 -13.68 -10.33 -1.09
C TYR A 255 -12.60 -9.65 -1.91
N ILE A 256 -11.33 -9.89 -1.60
CA ILE A 256 -10.25 -9.23 -2.34
C ILE A 256 -10.11 -9.83 -3.74
N ILE A 257 -10.17 -11.15 -3.86
CA ILE A 257 -10.21 -11.76 -5.19
C ILE A 257 -11.32 -11.14 -6.04
N ARG A 258 -12.49 -11.01 -5.42
CA ARG A 258 -13.64 -10.43 -6.10
C ARG A 258 -13.35 -8.98 -6.49
N GLY A 259 -12.80 -8.20 -5.56
CA GLY A 259 -12.39 -6.82 -5.86
C GLY A 259 -11.41 -6.73 -7.01
N LEU A 260 -10.50 -7.70 -7.10
CA LEU A 260 -9.50 -7.70 -8.17
C LEU A 260 -10.10 -7.94 -9.54
N LYS A 261 -11.30 -8.51 -9.64
CA LYS A 261 -11.96 -8.68 -10.94
C LYS A 261 -12.14 -7.35 -11.66
N THR A 262 -12.30 -6.26 -10.92
CA THR A 262 -12.48 -4.93 -11.49
C THR A 262 -11.26 -4.03 -11.29
N PHE A 263 -10.13 -4.58 -10.86
CA PHE A 263 -8.95 -3.76 -10.53
C PHE A 263 -8.52 -2.87 -11.70
N GLU A 264 -8.42 -3.42 -12.91
CA GLU A 264 -7.94 -2.61 -14.04
C GLU A 264 -8.86 -1.44 -14.31
N ILE A 265 -10.16 -1.71 -14.44
CA ILE A 265 -11.10 -0.65 -14.79
C ILE A 265 -11.28 0.33 -13.64
N ARG A 266 -11.20 -0.14 -12.39
CA ARG A 266 -11.26 0.79 -11.26
C ARG A 266 -10.07 1.73 -11.30
N MET A 267 -8.87 1.19 -11.43
CA MET A 267 -7.69 2.08 -11.44
C MET A 267 -7.72 3.07 -12.60
N GLU A 268 -8.18 2.61 -13.76
CA GLU A 268 -8.29 3.50 -14.92
CA GLU A 268 -8.31 3.49 -14.92
C GLU A 268 -9.23 4.67 -14.62
N ARG A 269 -10.38 4.39 -14.03
CA ARG A 269 -11.35 5.44 -13.72
CA ARG A 269 -11.34 5.44 -13.72
C ARG A 269 -10.88 6.32 -12.57
N HIS A 270 -10.29 5.72 -11.54
CA HIS A 270 -9.71 6.49 -10.44
C HIS A 270 -8.74 7.55 -11.00
N CYS A 271 -7.82 7.13 -11.87
CA CYS A 271 -6.81 8.04 -12.41
C CYS A 271 -7.38 9.05 -13.38
N LYS A 272 -8.32 8.65 -14.22
CA LYS A 272 -9.00 9.56 -15.15
CA LYS A 272 -8.96 9.59 -15.14
C LYS A 272 -9.71 10.67 -14.37
N ASN A 273 -10.49 10.26 -13.37
CA ASN A 273 -11.15 11.22 -12.51
C ASN A 273 -10.15 12.13 -11.84
N ALA A 274 -9.10 11.55 -11.28
CA ALA A 274 -8.14 12.33 -10.51
C ALA A 274 -7.45 13.39 -11.35
N ARG A 275 -7.02 13.04 -12.56
CA ARG A 275 -6.32 14.02 -13.41
C ARG A 275 -7.22 15.22 -13.71
N THR A 276 -8.51 14.98 -13.95
CA THR A 276 -9.45 16.05 -14.20
C THR A 276 -9.65 16.91 -12.96
N ILE A 277 -9.72 16.28 -11.79
CA ILE A 277 -9.86 17.03 -10.55
C ILE A 277 -8.60 17.83 -10.24
N VAL A 278 -7.43 17.29 -10.52
CA VAL A 278 -6.17 18.04 -10.33
C VAL A 278 -6.22 19.34 -11.13
N ASP A 279 -6.62 19.27 -12.39
CA ASP A 279 -6.69 20.47 -13.22
C ASP A 279 -7.65 21.50 -12.62
N PHE A 280 -8.82 21.04 -12.16
CA PHE A 280 -9.79 21.90 -11.51
C PHE A 280 -9.21 22.57 -10.26
N LEU A 281 -8.62 21.78 -9.38
CA LEU A 281 -8.08 22.33 -8.13
C LEU A 281 -6.90 23.25 -8.38
N ASN A 282 -6.02 22.88 -9.29
CA ASN A 282 -4.82 23.67 -9.53
C ASN A 282 -5.12 25.02 -10.15
N LYS A 283 -6.26 25.16 -10.83
CA LYS A 283 -6.71 26.44 -11.39
C LYS A 283 -7.69 27.18 -10.48
N HIS A 284 -8.01 26.63 -9.31
CA HIS A 284 -9.02 27.24 -8.47
C HIS A 284 -8.43 28.36 -7.63
N PRO A 285 -9.08 29.55 -7.61
CA PRO A 285 -8.49 30.67 -6.84
C PRO A 285 -8.33 30.46 -5.34
N LYS A 286 -9.14 29.59 -4.72
CA LYS A 286 -9.03 29.35 -3.27
C LYS A 286 -8.04 28.27 -2.87
N VAL A 287 -7.44 27.63 -3.86
CA VAL A 287 -6.45 26.58 -3.64
C VAL A 287 -5.12 27.19 -3.97
N GLU A 288 -4.19 27.21 -3.03
CA GLU A 288 -2.90 27.85 -3.33
C GLU A 288 -1.88 26.89 -3.92
N LYS A 289 -2.01 25.60 -3.62
CA LYS A 289 -1.04 24.62 -4.11
C LYS A 289 -1.70 23.24 -4.19
N VAL A 290 -1.31 22.49 -5.21
CA VAL A 290 -1.76 21.09 -5.34
C VAL A 290 -0.52 20.22 -5.34
N TYR A 291 -0.60 19.13 -4.58
CA TYR A 291 0.40 18.08 -4.55
C TYR A 291 -0.12 16.90 -5.37
N TYR A 292 0.52 16.64 -6.50
CA TYR A 292 0.12 15.55 -7.40
C TYR A 292 1.32 15.16 -8.23
N PRO A 293 1.67 13.85 -8.27
CA PRO A 293 2.91 13.46 -9.00
C PRO A 293 2.96 13.83 -10.47
N GLY A 294 1.81 13.98 -11.10
CA GLY A 294 1.74 14.33 -12.52
C GLY A 294 1.82 15.80 -12.86
N LEU A 295 1.87 16.68 -11.86
CA LEU A 295 2.09 18.12 -12.15
C LEU A 295 3.57 18.34 -12.42
N GLU A 296 3.87 19.09 -13.49
CA GLU A 296 5.27 19.36 -13.83
C GLU A 296 5.99 20.19 -12.76
N THR A 297 5.22 20.89 -11.93
CA THR A 297 5.73 21.66 -10.81
C THR A 297 5.93 20.83 -9.53
N HIS A 298 5.58 19.54 -9.56
CA HIS A 298 5.74 18.69 -8.39
C HIS A 298 7.21 18.27 -8.30
N PRO A 299 7.80 18.30 -7.10
CA PRO A 299 9.16 17.77 -6.97
C PRO A 299 9.20 16.29 -7.34
N GLY A 300 10.21 15.91 -8.10
CA GLY A 300 10.33 14.53 -8.54
C GLY A 300 9.39 14.15 -9.67
N TYR A 301 8.81 15.13 -10.37
CA TYR A 301 7.90 14.83 -11.48
C TYR A 301 8.59 13.90 -12.49
N GLU A 302 9.84 14.19 -12.82
CA GLU A 302 10.54 13.41 -13.84
C GLU A 302 10.79 11.97 -13.38
N ILE A 303 11.01 11.77 -12.08
CA ILE A 303 11.15 10.42 -11.52
C ILE A 303 9.81 9.68 -11.60
N ALA A 304 8.73 10.37 -11.22
CA ALA A 304 7.39 9.78 -11.32
C ALA A 304 7.08 9.37 -12.75
N LYS A 305 7.43 10.22 -13.70
CA LYS A 305 7.21 9.90 -15.12
C LYS A 305 7.98 8.66 -15.58
N LYS A 306 9.15 8.41 -15.01
CA LYS A 306 9.93 7.24 -15.37
C LYS A 306 9.45 5.95 -14.74
N GLN A 307 8.97 6.00 -13.49
CA GLN A 307 8.65 4.76 -12.76
C GLN A 307 7.16 4.49 -12.57
N MET A 308 6.30 5.42 -12.98
CA MET A 308 4.85 5.27 -12.83
C MET A 308 4.18 5.36 -14.19
N LYS A 309 3.31 4.40 -14.49
CA LYS A 309 2.56 4.41 -15.74
C LYS A 309 1.44 5.44 -15.75
N ASP A 310 0.95 5.80 -14.57
CA ASP A 310 0.02 6.91 -14.41
C ASP A 310 0.34 7.49 -13.04
N PHE A 311 -0.23 8.65 -12.75
CA PHE A 311 0.25 9.48 -11.64
C PHE A 311 -0.60 9.38 -10.38
N GLY A 312 -1.58 8.48 -10.38
CA GLY A 312 -2.32 8.13 -9.19
C GLY A 312 -3.63 8.84 -9.00
N ALA A 313 -4.34 8.42 -7.96
CA ALA A 313 -5.65 8.96 -7.66
C ALA A 313 -5.72 9.60 -6.29
N MET A 314 -4.56 9.81 -5.65
CA MET A 314 -4.46 10.62 -4.45
C MET A 314 -4.08 12.03 -4.85
N ILE A 315 -4.70 13.01 -4.20
CA ILE A 315 -4.39 14.43 -4.42
C ILE A 315 -4.35 15.07 -3.06
N SER A 316 -3.33 15.85 -2.74
CA SER A 316 -3.43 16.76 -1.60
C SER A 316 -3.37 18.18 -2.09
N PHE A 317 -3.93 19.09 -1.32
CA PHE A 317 -3.92 20.48 -1.75
C PHE A 317 -4.00 21.38 -0.54
N GLU A 318 -3.47 22.58 -0.69
CA GLU A 318 -3.45 23.59 0.39
C GLU A 318 -4.47 24.67 0.09
N LEU A 319 -5.44 24.82 0.96
CA LEU A 319 -6.38 25.92 0.87
C LEU A 319 -5.71 27.19 1.38
N LYS A 320 -5.82 28.29 0.62
CA LYS A 320 -5.15 29.54 1.04
C LYS A 320 -5.69 30.10 2.36
N GLY A 321 -6.94 29.76 2.70
CA GLY A 321 -7.57 30.19 3.94
C GLY A 321 -7.26 29.37 5.19
N GLY A 322 -6.37 28.39 5.09
CA GLY A 322 -5.87 27.70 6.26
C GLY A 322 -6.87 26.82 7.00
N PHE A 323 -6.77 26.83 8.33
CA PHE A 323 -7.45 25.87 9.20
C PHE A 323 -8.96 25.92 9.10
N GLU A 324 -9.53 27.12 9.20
CA GLU A 324 -10.97 27.26 9.14
C GLU A 324 -11.50 26.94 7.75
N ALA A 325 -10.73 27.24 6.71
CA ALA A 325 -11.12 26.90 5.35
C ALA A 325 -11.21 25.40 5.16
N GLY A 326 -10.27 24.65 5.74
CA GLY A 326 -10.30 23.18 5.67
C GLY A 326 -11.56 22.62 6.29
N LYS A 327 -11.90 23.09 7.49
CA LYS A 327 -13.10 22.58 8.17
C LYS A 327 -14.37 22.99 7.43
N THR A 328 -14.44 24.25 7.00
CA THR A 328 -15.60 24.74 6.29
C THR A 328 -15.83 23.97 4.98
N LEU A 329 -14.76 23.75 4.22
CA LEU A 329 -14.88 22.95 3.01
C LEU A 329 -15.47 21.57 3.31
N LEU A 330 -14.82 20.84 4.21
CA LEU A 330 -15.23 19.46 4.47
C LEU A 330 -16.63 19.38 5.05
N ASN A 331 -16.96 20.30 5.96
CA ASN A 331 -18.29 20.27 6.60
C ASN A 331 -19.44 20.57 5.65
N ASN A 332 -19.16 21.14 4.47
CA ASN A 332 -20.17 21.42 3.47
C ASN A 332 -20.28 20.40 2.34
N LEU A 333 -19.38 19.42 2.30
CA LEU A 333 -19.41 18.43 1.21
C LEU A 333 -20.54 17.44 1.43
N LYS A 334 -21.20 17.09 0.32
CA LYS A 334 -22.34 16.18 0.32
C LYS A 334 -22.09 14.84 -0.37
N LEU A 335 -21.08 14.77 -1.22
CA LEU A 335 -20.77 13.55 -1.96
CA LEU A 335 -20.75 13.55 -1.98
C LEU A 335 -19.51 12.91 -1.41
N CYS A 336 -18.43 13.69 -1.31
CA CYS A 336 -17.20 13.23 -0.70
C CYS A 336 -17.46 12.89 0.76
N SER A 337 -16.89 11.79 1.24
CA SER A 337 -17.12 11.33 2.62
C SER A 337 -15.93 11.64 3.49
N LEU A 338 -16.22 12.08 4.72
CA LEU A 338 -15.18 12.45 5.68
CA LEU A 338 -15.17 12.45 5.68
C LEU A 338 -14.74 11.18 6.40
N ALA A 339 -13.52 10.73 6.13
CA ALA A 339 -13.06 9.42 6.66
C ALA A 339 -11.59 9.28 6.41
N VAL A 340 -10.94 8.44 7.20
CA VAL A 340 -9.61 7.96 6.86
C VAL A 340 -9.73 6.79 5.87
N SER A 341 -8.57 6.35 5.42
CA SER A 341 -8.42 5.34 4.39
C SER A 341 -8.43 5.96 3.00
N LEU A 342 -8.26 5.12 2.00
CA LEU A 342 -8.17 5.56 0.61
C LEU A 342 -8.40 4.36 -0.28
N GLY A 343 -8.58 4.63 -1.56
CA GLY A 343 -8.66 3.56 -2.54
C GLY A 343 -10.00 2.88 -2.62
N ASP A 344 -11.02 3.49 -2.02
CA ASP A 344 -12.38 2.97 -2.09
C ASP A 344 -13.08 3.47 -3.34
N THR A 345 -14.19 2.83 -3.71
CA THR A 345 -14.97 3.29 -4.84
C THR A 345 -15.61 4.66 -4.59
N GLU A 346 -15.85 4.99 -3.33
CA GLU A 346 -16.38 6.29 -2.90
CA GLU A 346 -16.39 6.29 -2.98
C GLU A 346 -15.24 7.26 -2.66
N THR A 347 -15.42 8.52 -3.05
CA THR A 347 -14.42 9.55 -2.79
C THR A 347 -14.35 9.83 -1.29
N LEU A 348 -13.14 9.84 -0.75
CA LEU A 348 -12.90 10.12 0.67
C LEU A 348 -12.05 11.36 0.81
N ILE A 349 -12.22 12.07 1.91
CA ILE A 349 -11.49 13.32 2.13
C ILE A 349 -11.20 13.50 3.61
N GLN A 350 -10.06 14.10 3.91
CA GLN A 350 -9.67 14.40 5.28
CA GLN A 350 -9.77 14.48 5.29
C GLN A 350 -8.89 15.71 5.34
N HIS A 351 -8.96 16.38 6.49
CA HIS A 351 -8.23 17.62 6.77
C HIS A 351 -7.37 17.31 7.98
N PRO A 352 -6.12 16.87 7.75
CA PRO A 352 -5.35 16.34 8.88
C PRO A 352 -5.23 17.28 10.10
N ALA A 353 -5.12 18.59 9.87
CA ALA A 353 -4.92 19.52 10.99
C ALA A 353 -6.06 19.49 12.00
N SER A 354 -7.29 19.28 11.54
CA SER A 354 -8.45 19.23 12.43
C SER A 354 -8.91 17.82 12.77
N MET A 355 -8.37 16.80 12.08
CA MET A 355 -8.90 15.43 12.17
C MET A 355 -7.83 14.52 12.77
N THR A 356 -7.00 13.89 11.94
CA THR A 356 -6.01 12.93 12.43
C THR A 356 -5.01 13.56 13.40
N HIS A 357 -4.68 14.85 13.19
CA HIS A 357 -3.69 15.52 14.03
C HIS A 357 -4.28 16.49 15.06
N SER A 358 -5.55 16.27 15.42
CA SER A 358 -6.21 17.05 16.47
C SER A 358 -5.52 17.06 17.84
N PRO A 359 -4.77 15.99 18.20
CA PRO A 359 -4.07 16.07 19.49
C PRO A 359 -2.87 17.03 19.56
N TYR A 360 -2.43 17.56 18.41
CA TYR A 360 -1.15 18.25 18.34
C TYR A 360 -1.29 19.75 18.10
N THR A 361 -0.31 20.50 18.58
CA THR A 361 -0.26 21.95 18.40
C THR A 361 0.13 22.25 16.96
N LYS A 362 -0.15 23.48 16.51
CA LYS A 362 0.25 23.92 15.16
C LYS A 362 1.75 23.67 14.91
N GLU A 363 2.59 24.02 15.89
CA GLU A 363 4.04 23.78 15.79
C GLU A 363 4.36 22.31 15.58
N GLU A 364 3.77 21.44 16.40
CA GLU A 364 3.97 19.99 16.29
C GLU A 364 3.52 19.46 14.92
N ARG A 365 2.36 19.93 14.47
CA ARG A 365 1.82 19.53 13.16
C ARG A 365 2.76 19.93 12.02
N GLU A 366 3.22 21.18 12.05
CA GLU A 366 4.12 21.69 11.00
C GLU A 366 5.46 20.97 10.95
N VAL A 367 6.02 20.60 12.11
CA VAL A 367 7.20 19.73 12.16
C VAL A 367 6.95 18.39 11.46
N ALA A 368 5.74 17.86 11.60
CA ALA A 368 5.31 16.63 10.92
C ALA A 368 4.85 16.83 9.45
N GLY A 369 5.00 18.03 8.91
CA GLY A 369 4.62 18.34 7.54
C GLY A 369 3.13 18.59 7.31
N ILE A 370 2.36 18.75 8.39
CA ILE A 370 0.94 19.02 8.30
C ILE A 370 0.71 20.51 8.45
N THR A 371 0.27 21.14 7.37
CA THR A 371 0.00 22.56 7.31
C THR A 371 -1.51 22.79 7.49
N ASP A 372 -1.88 23.98 7.95
CA ASP A 372 -3.25 24.23 8.39
C ASP A 372 -4.30 24.11 7.30
N GLY A 373 -3.95 24.41 6.06
CA GLY A 373 -4.88 24.30 4.95
C GLY A 373 -4.81 23.01 4.14
N LEU A 374 -4.01 22.05 4.60
CA LEU A 374 -3.79 20.83 3.82
C LEU A 374 -5.00 19.90 3.85
N VAL A 375 -5.47 19.52 2.68
CA VAL A 375 -6.60 18.58 2.51
C VAL A 375 -6.08 17.42 1.67
N ARG A 376 -6.42 16.20 2.10
CA ARG A 376 -6.08 14.97 1.35
C ARG A 376 -7.34 14.34 0.77
N LEU A 377 -7.31 14.13 -0.54
CA LEU A 377 -8.45 13.60 -1.28
C LEU A 377 -8.09 12.26 -1.93
N SER A 378 -8.87 11.22 -1.59
CA SER A 378 -8.81 9.93 -2.29
C SER A 378 -9.93 9.94 -3.33
N VAL A 379 -9.58 10.11 -4.59
CA VAL A 379 -10.58 10.24 -5.64
C VAL A 379 -11.21 8.87 -5.91
N GLY A 380 -12.54 8.84 -5.86
CA GLY A 380 -13.30 7.62 -6.11
C GLY A 380 -13.74 7.49 -7.56
N LEU A 381 -14.79 6.69 -7.75
CA LEU A 381 -15.27 6.28 -9.07
C LEU A 381 -16.57 6.97 -9.50
N GLU A 382 -17.04 7.92 -8.71
CA GLU A 382 -18.24 8.67 -9.07
C GLU A 382 -18.01 9.43 -10.38
N ASN A 383 -19.09 9.85 -11.02
CA ASN A 383 -18.93 10.68 -12.22
C ASN A 383 -18.19 11.96 -11.84
N VAL A 384 -17.16 12.28 -12.62
CA VAL A 384 -16.24 13.34 -12.22
C VAL A 384 -16.95 14.69 -12.12
N GLU A 385 -17.97 14.90 -12.94
CA GLU A 385 -18.74 16.15 -12.90
C GLU A 385 -19.39 16.31 -11.54
N ASP A 386 -19.82 15.21 -10.92
CA ASP A 386 -20.47 15.26 -9.63
C ASP A 386 -19.46 15.50 -8.50
N ILE A 387 -18.27 14.90 -8.59
CA ILE A 387 -17.24 15.13 -7.59
C ILE A 387 -16.83 16.62 -7.64
N ILE A 388 -16.59 17.12 -8.85
CA ILE A 388 -16.21 18.52 -9.02
C ILE A 388 -17.32 19.46 -8.57
N ALA A 389 -18.58 19.16 -8.89
CA ALA A 389 -19.67 20.03 -8.42
C ALA A 389 -19.71 20.10 -6.90
N ASP A 390 -19.46 18.97 -6.24
CA ASP A 390 -19.44 18.95 -4.78
C ASP A 390 -18.29 19.79 -4.23
N LEU A 391 -17.08 19.58 -4.74
CA LEU A 391 -15.95 20.41 -4.31
C LEU A 391 -16.19 21.89 -4.60
N GLU A 392 -16.73 22.19 -5.77
CA GLU A 392 -16.99 23.59 -6.16
C GLU A 392 -17.95 24.27 -5.19
N GLN A 393 -19.08 23.63 -4.87
CA GLN A 393 -20.03 24.25 -3.94
C GLN A 393 -19.44 24.38 -2.54
N GLY A 394 -18.63 23.41 -2.10
CA GLY A 394 -17.97 23.51 -0.82
C GLY A 394 -16.96 24.65 -0.77
N LEU A 395 -16.17 24.77 -1.84
CA LEU A 395 -15.18 25.85 -1.94
C LEU A 395 -15.83 27.24 -1.95
N GLU A 396 -17.03 27.34 -2.53
CA GLU A 396 -17.80 28.60 -2.53
C GLU A 396 -18.10 29.10 -1.12
N LYS A 397 -18.21 28.19 -0.15
CA LYS A 397 -18.54 28.54 1.23
C LYS A 397 -17.36 29.11 2.03
N ILE A 398 -16.15 28.99 1.52
CA ILE A 398 -14.98 29.54 2.23
C ILE A 398 -14.98 31.05 2.04
C1 MPD B . -5.98 5.83 11.82
C2 MPD B . -5.16 4.64 11.32
O2 MPD B . -3.78 5.03 11.26
CM MPD B . -5.26 3.43 12.24
C3 MPD B . -5.65 4.14 9.98
C4 MPD B . -5.47 5.03 8.76
O4 MPD B . -4.08 5.32 8.56
C5 MPD B . -6.02 4.31 7.55
N NO3 C . -4.99 6.97 5.58
O1 NO3 C . -5.27 6.22 4.67
O2 NO3 C . -3.77 7.11 5.93
O3 NO3 C . -5.89 7.60 6.19
N NO3 D . 0.86 -25.17 3.40
O1 NO3 D . 0.96 -26.07 4.22
O2 NO3 D . 1.64 -25.15 2.39
O3 NO3 D . -0.01 -24.26 3.54
#